data_3QPI
#
_entry.id   3QPI
#
_cell.length_a   102.620
_cell.length_b   102.620
_cell.length_c   49.120
_cell.angle_alpha   90.00
_cell.angle_beta   90.00
_cell.angle_gamma   90.00
#
_symmetry.space_group_name_H-M   'P 41'
#
loop_
_entity.id
_entity.type
_entity.pdbx_description
1 polymer 'Chlorite Dismutase'
2 non-polymer 'PROTOPORPHYRIN IX CONTAINING FE'
3 water water
#
_entity_poly.entity_id   1
_entity_poly.type   'polypeptide(L)'
_entity_poly.pdbx_seq_one_letter_code
;MTFTVFTGGDSGAWSILSVAPVIGESLMAASHLAIAPSLSLGDTSATTPWQLRGVASHARYVERAEKIALTSVQAGLGRN
EATRAALIPIRKSAAWWEMTQDERRAIFEDKSHHIAASLKYLPAIARQLYHCRDIGEPFDFLTWFEYAPEHATMFEDLVG
VLRATEEWTYVEREVDIRLARAIHHHHHH
;
_entity_poly.pdbx_strand_id   A,B
#
loop_
_chem_comp.id
_chem_comp.type
_chem_comp.name
_chem_comp.formula
HEM non-polymer 'PROTOPORPHYRIN IX CONTAINING FE' 'C34 H32 Fe N4 O4'
#
# COMPACT_ATOMS: atom_id res chain seq x y z
N PHE A 3 -4.55 -10.31 -6.44
CA PHE A 3 -5.92 -9.94 -6.02
C PHE A 3 -6.76 -11.11 -5.49
N THR A 4 -7.32 -10.94 -4.29
CA THR A 4 -8.23 -11.95 -3.74
C THR A 4 -9.65 -11.36 -3.83
N VAL A 5 -10.56 -12.05 -4.48
CA VAL A 5 -11.93 -11.53 -4.68
C VAL A 5 -12.90 -12.27 -3.75
N PHE A 6 -13.64 -11.50 -2.93
CA PHE A 6 -14.68 -12.01 -2.08
C PHE A 6 -16.04 -11.69 -2.73
N THR A 7 -16.81 -12.72 -3.11
CA THR A 7 -18.07 -12.49 -3.85
C THR A 7 -19.25 -13.02 -3.02
N GLY A 8 -20.16 -12.12 -2.66
CA GLY A 8 -21.41 -12.49 -2.02
C GLY A 8 -22.40 -12.91 -3.07
N GLY A 9 -22.73 -14.21 -3.08
CA GLY A 9 -23.60 -14.75 -4.11
C GLY A 9 -24.26 -16.07 -3.75
N ASP A 10 -24.48 -16.90 -4.75
CA ASP A 10 -25.21 -18.14 -4.54
C ASP A 10 -24.29 -19.33 -4.57
N SER A 11 -22.98 -19.13 -4.45
CA SER A 11 -22.13 -20.30 -4.41
C SER A 11 -20.83 -19.97 -3.71
N GLY A 12 -20.05 -20.97 -3.35
CA GLY A 12 -18.77 -20.65 -2.72
C GLY A 12 -18.50 -21.61 -1.58
N ALA A 13 -17.28 -21.57 -1.05
CA ALA A 13 -16.86 -22.46 -0.02
C ALA A 13 -17.49 -22.12 1.34
N TRP A 14 -18.21 -20.98 1.46
CA TRP A 14 -18.71 -20.55 2.77
C TRP A 14 -20.14 -20.17 2.59
N SER A 15 -21.00 -20.57 3.53
CA SER A 15 -22.35 -20.02 3.54
C SER A 15 -22.29 -18.84 4.48
N ILE A 16 -23.14 -17.88 4.21
CA ILE A 16 -23.19 -16.68 5.02
C ILE A 16 -24.26 -16.81 6.10
N LEU A 17 -23.78 -16.88 7.35
CA LEU A 17 -24.63 -16.88 8.56
C LEU A 17 -25.37 -15.56 8.67
N SER A 18 -24.63 -14.46 8.61
CA SER A 18 -25.21 -13.15 8.83
C SER A 18 -24.38 -12.02 8.23
N VAL A 19 -25.09 -10.98 7.83
CA VAL A 19 -24.49 -9.69 7.50
C VAL A 19 -25.18 -8.61 8.33
N ALA A 20 -24.39 -7.89 9.14
CA ALA A 20 -24.91 -6.85 10.02
C ALA A 20 -24.11 -5.54 9.91
N PRO A 21 -24.82 -4.41 9.95
CA PRO A 21 -24.19 -3.08 9.91
C PRO A 21 -23.28 -2.88 11.10
N VAL A 22 -22.21 -2.10 10.94
CA VAL A 22 -21.43 -1.69 12.11
C VAL A 22 -21.26 -0.16 12.16
N ILE A 23 -20.60 0.42 11.16
CA ILE A 23 -20.72 1.85 10.96
C ILE A 23 -20.85 2.16 9.48
N GLY A 24 -21.65 3.17 9.16
CA GLY A 24 -21.91 3.54 7.79
C GLY A 24 -22.66 2.44 7.05
N GLU A 25 -22.64 2.48 5.73
CA GLU A 25 -23.50 1.65 4.92
C GLU A 25 -23.09 0.17 4.98
N SER A 26 -24.09 -0.69 5.11
CA SER A 26 -23.86 -2.13 5.20
C SER A 26 -23.79 -2.73 3.80
N LEU A 27 -24.00 -4.03 3.71
CA LEU A 27 -23.98 -4.70 2.41
C LEU A 27 -25.23 -5.53 2.28
N MET A 28 -25.61 -5.77 1.03
CA MET A 28 -26.81 -6.54 0.73
C MET A 28 -26.66 -7.98 1.22
N ALA A 29 -27.79 -8.62 1.51
CA ALA A 29 -27.81 -10.03 1.93
C ALA A 29 -27.40 -10.96 0.77
N ALA A 30 -26.70 -12.04 1.12
CA ALA A 30 -26.38 -13.08 0.15
C ALA A 30 -26.28 -14.41 0.90
N SER A 31 -26.34 -15.55 0.19
CA SER A 31 -26.38 -16.82 0.91
C SER A 31 -25.00 -17.42 1.07
N HIS A 32 -24.09 -17.11 0.15
CA HIS A 32 -22.76 -17.71 0.14
C HIS A 32 -21.65 -16.74 -0.18
N LEU A 33 -20.44 -17.11 0.23
CA LEU A 33 -19.27 -16.33 -0.02
C LEU A 33 -18.30 -17.18 -0.84
N ALA A 34 -17.92 -16.71 -2.02
CA ALA A 34 -16.81 -17.34 -2.74
C ALA A 34 -15.57 -16.49 -2.63
N ILE A 35 -14.42 -17.17 -2.55
CA ILE A 35 -13.12 -16.51 -2.45
C ILE A 35 -12.19 -17.09 -3.51
N ALA A 36 -11.52 -16.22 -4.27
CA ALA A 36 -10.74 -16.69 -5.40
C ALA A 36 -9.71 -15.66 -5.82
N PRO A 37 -8.56 -16.13 -6.27
CA PRO A 37 -7.54 -15.27 -6.88
C PRO A 37 -8.00 -14.74 -8.22
N SER A 38 -7.44 -13.62 -8.64
CA SER A 38 -7.81 -13.01 -9.89
C SER A 38 -6.71 -12.04 -10.28
N LEU A 39 -6.49 -11.87 -11.57
CA LEU A 39 -5.46 -10.94 -12.02
C LEU A 39 -6.02 -9.59 -12.42
N SER A 40 -7.35 -9.44 -12.43
CA SER A 40 -7.96 -8.12 -12.64
C SER A 40 -8.69 -7.65 -11.38
N THR A 48 -24.75 -9.46 -9.09
CA THR A 48 -24.30 -10.04 -7.83
C THR A 48 -24.50 -9.10 -6.65
N PRO A 49 -24.96 -9.64 -5.51
CA PRO A 49 -25.24 -8.81 -4.33
C PRO A 49 -24.11 -7.84 -4.02
N TRP A 50 -22.89 -8.36 -3.95
CA TRP A 50 -21.72 -7.51 -3.79
C TRP A 50 -20.48 -8.31 -4.10
N GLN A 51 -19.41 -7.59 -4.40
CA GLN A 51 -18.10 -8.19 -4.67
C GLN A 51 -17.01 -7.23 -4.21
N LEU A 52 -16.00 -7.77 -3.55
CA LEU A 52 -15.00 -6.98 -2.88
C LEU A 52 -13.62 -7.56 -3.15
N ARG A 53 -12.62 -6.71 -3.35
CA ARG A 53 -11.29 -7.19 -3.73
C ARG A 53 -10.20 -6.55 -2.88
N GLY A 54 -9.15 -7.31 -2.64
CA GLY A 54 -8.05 -6.81 -1.85
C GLY A 54 -6.77 -7.59 -2.09
N VAL A 55 -5.68 -7.13 -1.52
CA VAL A 55 -4.37 -7.69 -1.83
C VAL A 55 -3.63 -7.97 -0.54
N ALA A 56 -3.14 -9.19 -0.37
CA ALA A 56 -2.31 -9.49 0.79
C ALA A 56 -1.00 -8.79 0.52
N SER A 57 -0.45 -8.08 1.50
CA SER A 57 0.70 -7.23 1.20
C SER A 57 1.81 -7.31 2.27
N HIS A 58 2.77 -6.40 2.19
CA HIS A 58 3.90 -6.39 3.13
C HIS A 58 3.48 -5.64 4.41
N ALA A 59 4.28 -5.79 5.47
CA ALA A 59 3.96 -5.18 6.77
C ALA A 59 4.06 -3.65 6.74
N ARG A 60 3.02 -2.99 7.25
CA ARG A 60 3.01 -1.53 7.36
C ARG A 60 3.38 -1.05 8.77
N TYR A 61 3.17 -1.89 9.79
CA TYR A 61 3.43 -1.47 11.17
C TYR A 61 4.29 -2.46 11.96
N VAL A 62 4.19 -3.74 11.63
CA VAL A 62 4.88 -4.76 12.41
C VAL A 62 6.39 -4.59 12.45
N GLU A 63 6.92 -4.66 13.65
CA GLU A 63 8.35 -4.63 13.82
C GLU A 63 8.87 -6.05 14.05
N ARG A 64 10.18 -6.24 13.90
CA ARG A 64 10.75 -7.57 13.93
C ARG A 64 10.37 -8.38 15.20
N ALA A 65 10.49 -7.76 16.37
CA ALA A 65 10.17 -8.49 17.58
C ALA A 65 8.71 -8.91 17.57
N GLU A 66 7.82 -8.04 17.12
CA GLU A 66 6.41 -8.40 16.98
C GLU A 66 6.21 -9.55 15.98
N LYS A 67 6.92 -9.51 14.85
CA LYS A 67 6.76 -10.59 13.89
C LYS A 67 7.16 -11.91 14.54
N ILE A 68 8.28 -11.91 15.25
CA ILE A 68 8.70 -13.11 15.96
C ILE A 68 7.60 -13.62 16.91
N ALA A 69 7.05 -12.73 17.74
CA ALA A 69 5.99 -13.10 18.68
C ALA A 69 4.76 -13.65 17.96
N LEU A 70 4.39 -13.06 16.83
CA LEU A 70 3.22 -13.50 16.08
C LEU A 70 3.42 -14.87 15.45
N THR A 71 4.53 -15.05 14.76
CA THR A 71 4.73 -16.31 14.04
C THR A 71 4.88 -17.48 15.00
N SER A 72 5.20 -17.21 16.26
CA SER A 72 5.34 -18.28 17.22
C SER A 72 4.00 -18.83 17.71
N VAL A 73 2.95 -18.01 17.72
CA VAL A 73 1.64 -18.51 18.16
C VAL A 73 0.57 -18.63 17.06
N GLN A 74 0.65 -17.83 15.99
CA GLN A 74 -0.46 -17.77 15.04
C GLN A 74 -0.64 -19.06 14.25
N ALA A 75 -1.88 -19.31 13.82
CA ALA A 75 -2.17 -20.47 12.99
C ALA A 75 -2.47 -20.03 11.55
N GLY A 76 -2.59 -20.98 10.65
CA GLY A 76 -2.85 -20.67 9.25
C GLY A 76 -4.31 -20.85 8.89
N LEU A 77 -4.66 -20.42 7.68
CA LEU A 77 -6.00 -20.63 7.16
C LEU A 77 -6.18 -22.10 6.79
N GLY A 78 -7.42 -22.55 6.71
CA GLY A 78 -7.72 -23.87 6.19
C GLY A 78 -7.65 -24.99 7.22
N ARG A 79 -7.63 -24.67 8.51
CA ARG A 79 -7.62 -25.71 9.54
C ARG A 79 -8.91 -26.51 9.46
N ASN A 80 -8.80 -27.83 9.54
CA ASN A 80 -9.97 -28.67 9.46
C ASN A 80 -11.03 -28.31 10.50
N GLU A 81 -10.63 -27.97 11.71
CA GLU A 81 -11.61 -27.62 12.76
C GLU A 81 -12.15 -26.19 12.63
N ALA A 82 -11.45 -25.33 11.90
CA ALA A 82 -11.84 -23.93 11.85
C ALA A 82 -12.97 -23.77 10.84
N THR A 83 -14.18 -24.14 11.25
CA THR A 83 -15.34 -24.19 10.35
C THR A 83 -16.22 -22.95 10.41
N ARG A 84 -15.74 -21.92 11.10
CA ARG A 84 -16.48 -20.67 11.19
C ARG A 84 -15.51 -19.59 10.77
N ALA A 85 -16.05 -18.51 10.24
CA ALA A 85 -15.19 -17.44 9.77
C ALA A 85 -15.92 -16.10 9.80
N ALA A 86 -15.13 -15.03 9.70
CA ALA A 86 -15.68 -13.68 9.60
C ALA A 86 -14.93 -12.89 8.55
N LEU A 87 -15.70 -12.08 7.83
CA LEU A 87 -15.14 -11.14 6.90
C LEU A 87 -15.60 -9.75 7.37
N ILE A 88 -14.63 -8.89 7.71
CA ILE A 88 -14.95 -7.54 8.19
C ILE A 88 -14.25 -6.48 7.33
N PRO A 89 -14.97 -5.92 6.35
CA PRO A 89 -14.49 -4.82 5.50
C PRO A 89 -14.45 -3.54 6.31
N ILE A 90 -13.37 -2.78 6.17
CA ILE A 90 -13.15 -1.58 6.99
C ILE A 90 -12.59 -0.42 6.16
N ARG A 91 -13.09 0.78 6.43
CA ARG A 91 -12.57 1.98 5.81
C ARG A 91 -12.24 2.98 6.89
N LYS A 92 -11.01 3.49 6.86
CA LYS A 92 -10.60 4.53 7.80
C LYS A 92 -10.75 5.91 7.15
N SER A 93 -10.84 6.95 7.99
CA SER A 93 -11.13 8.32 7.56
C SER A 93 -9.94 9.01 6.92
N ALA A 94 -10.26 10.03 6.14
CA ALA A 94 -9.25 10.95 5.61
C ALA A 94 -8.30 11.42 6.72
N ALA A 95 -8.84 11.77 7.88
CA ALA A 95 -7.98 12.19 8.99
C ALA A 95 -6.92 11.11 9.33
N TRP A 96 -7.29 9.85 9.28
CA TRP A 96 -6.32 8.76 9.49
C TRP A 96 -5.19 8.79 8.46
N TRP A 97 -5.58 8.86 7.19
CA TRP A 97 -4.62 8.72 6.11
C TRP A 97 -3.70 9.93 5.99
N GLU A 98 -4.17 11.09 6.45
CA GLU A 98 -3.35 12.30 6.42
C GLU A 98 -2.22 12.24 7.46
N MET A 99 -2.41 11.55 8.57
CA MET A 99 -1.35 11.44 9.58
C MET A 99 -0.07 10.78 9.05
N THR A 100 1.06 11.12 9.67
CA THR A 100 2.36 10.56 9.28
C THR A 100 2.53 9.13 9.85
N GLN A 101 3.58 8.47 9.39
CA GLN A 101 3.76 7.06 9.72
C GLN A 101 3.94 6.88 11.22
N ASP A 102 4.72 7.76 11.85
CA ASP A 102 4.99 7.64 13.29
C ASP A 102 3.72 7.85 14.12
N GLU A 103 2.86 8.75 13.65
CA GLU A 103 1.60 9.02 14.34
C GLU A 103 0.59 7.87 14.20
N ARG A 104 0.55 7.25 13.03
CA ARG A 104 -0.34 6.10 12.85
C ARG A 104 0.16 4.89 13.68
N ARG A 105 1.47 4.64 13.68
CA ARG A 105 2.04 3.55 14.47
C ARG A 105 1.75 3.72 15.97
N ALA A 106 1.84 4.94 16.47
CA ALA A 106 1.60 5.22 17.88
C ALA A 106 0.15 4.92 18.31
N ILE A 107 -0.81 5.40 17.54
CA ILE A 107 -2.21 5.07 17.75
C ILE A 107 -2.45 3.56 17.64
N PHE A 108 -1.97 2.96 16.54
CA PHE A 108 -2.21 1.54 16.26
C PHE A 108 -1.69 0.66 17.39
N GLU A 109 -0.43 0.86 17.79
CA GLU A 109 0.12 0.01 18.83
C GLU A 109 0.23 0.68 20.22
N ASP A 110 0.92 1.82 20.31
CA ASP A 110 1.22 2.35 21.65
C ASP A 110 -0.05 2.73 22.43
N LYS A 111 -1.04 3.27 21.75
CA LYS A 111 -2.30 3.63 22.39
C LYS A 111 -3.35 2.51 22.29
N SER A 112 -3.49 1.88 21.13
CA SER A 112 -4.54 0.86 20.97
C SER A 112 -4.03 -0.55 21.26
N HIS A 113 -2.71 -0.74 21.31
CA HIS A 113 -2.14 -2.07 21.55
C HIS A 113 -2.77 -3.16 20.68
N HIS A 114 -2.99 -2.82 19.41
CA HIS A 114 -3.64 -3.73 18.47
C HIS A 114 -2.97 -5.08 18.49
N ILE A 115 -1.64 -5.08 18.48
CA ILE A 115 -0.93 -6.33 18.43
C ILE A 115 -0.87 -6.97 19.79
N ALA A 116 -0.37 -6.22 20.77
CA ALA A 116 -0.06 -6.77 22.09
C ALA A 116 -1.31 -7.31 22.77
N ALA A 117 -2.43 -6.61 22.61
CA ALA A 117 -3.65 -7.06 23.25
C ALA A 117 -4.35 -8.18 22.48
N SER A 118 -3.95 -8.43 21.23
CA SER A 118 -4.63 -9.47 20.46
C SER A 118 -3.91 -10.81 20.52
N LEU A 119 -2.64 -10.79 20.92
CA LEU A 119 -1.83 -12.01 20.97
C LEU A 119 -2.50 -13.15 21.75
N LYS A 120 -3.27 -12.83 22.79
CA LYS A 120 -3.84 -13.90 23.60
C LYS A 120 -4.87 -14.71 22.81
N TYR A 121 -5.41 -14.15 21.74
CA TYR A 121 -6.46 -14.82 20.98
C TYR A 121 -5.92 -15.77 19.94
N LEU A 122 -4.61 -15.90 19.86
CA LEU A 122 -4.00 -16.90 18.99
C LEU A 122 -3.53 -18.03 19.89
N PRO A 123 -3.54 -19.27 19.38
CA PRO A 123 -3.84 -19.60 17.98
C PRO A 123 -5.33 -19.76 17.66
N ALA A 124 -6.22 -19.65 18.64
CA ALA A 124 -7.64 -19.84 18.36
C ALA A 124 -8.10 -19.15 17.05
N ILE A 125 -7.79 -17.86 16.91
CA ILE A 125 -8.25 -17.09 15.77
C ILE A 125 -7.13 -16.96 14.74
N ALA A 126 -7.31 -17.53 13.55
CA ALA A 126 -6.38 -17.32 12.43
C ALA A 126 -6.88 -16.14 11.60
N ARG A 127 -5.95 -15.42 10.98
CA ARG A 127 -6.30 -14.17 10.29
C ARG A 127 -5.54 -13.99 8.99
N GLN A 128 -6.14 -13.22 8.08
CA GLN A 128 -5.44 -12.70 6.93
C GLN A 128 -5.97 -11.31 6.60
N LEU A 129 -5.04 -10.39 6.35
CA LEU A 129 -5.37 -9.02 6.02
C LEU A 129 -5.17 -8.73 4.53
N TYR A 130 -6.15 -8.10 3.90
CA TYR A 130 -6.07 -7.71 2.51
C TYR A 130 -6.22 -6.19 2.41
N HIS A 131 -5.39 -5.56 1.59
CA HIS A 131 -5.38 -4.10 1.41
C HIS A 131 -6.09 -3.72 0.12
N CYS A 132 -6.89 -2.66 0.14
CA CYS A 132 -7.60 -2.28 -1.08
C CYS A 132 -7.84 -0.81 -1.29
N ARG A 133 -7.30 0.03 -0.42
CA ARG A 133 -7.43 1.47 -0.60
C ARG A 133 -6.80 1.83 -1.94
N ASP A 134 -5.58 1.35 -2.15
CA ASP A 134 -4.80 1.76 -3.31
C ASP A 134 -5.32 1.23 -4.64
N ILE A 135 -6.36 0.39 -4.62
CA ILE A 135 -6.96 -0.09 -5.88
C ILE A 135 -8.36 0.48 -6.09
N GLY A 136 -8.75 1.43 -5.25
CA GLY A 136 -9.99 2.18 -5.46
C GLY A 136 -11.23 1.50 -4.92
N GLU A 137 -11.07 0.56 -4.00
CA GLU A 137 -12.22 -0.09 -3.41
C GLU A 137 -12.88 0.82 -2.40
N PRO A 138 -14.18 0.63 -2.16
CA PRO A 138 -14.94 1.38 -1.15
C PRO A 138 -14.53 1.06 0.30
N PHE A 139 -13.69 0.05 0.50
CA PHE A 139 -13.11 -0.17 1.82
C PHE A 139 -11.61 -0.04 1.70
N ASP A 140 -10.92 0.07 2.83
CA ASP A 140 -9.48 0.15 2.86
C ASP A 140 -8.86 -1.22 3.15
N PHE A 141 -9.55 -2.02 3.94
CA PHE A 141 -9.03 -3.34 4.26
C PHE A 141 -10.16 -4.36 4.18
N LEU A 142 -9.81 -5.58 3.85
CA LEU A 142 -10.70 -6.73 4.04
C LEU A 142 -10.00 -7.61 5.07
N THR A 143 -10.65 -7.80 6.21
CA THR A 143 -10.08 -8.59 7.29
C THR A 143 -10.83 -9.92 7.31
N TRP A 144 -10.06 -11.00 7.37
CA TRP A 144 -10.58 -12.36 7.20
C TRP A 144 -10.08 -13.16 8.39
N PHE A 145 -11.01 -13.87 9.05
CA PHE A 145 -10.72 -14.63 10.25
C PHE A 145 -11.40 -16.00 10.18
N GLU A 146 -10.71 -17.02 10.70
CA GLU A 146 -11.25 -18.37 10.75
C GLU A 146 -11.03 -18.94 12.13
N TYR A 147 -12.02 -19.68 12.63
CA TYR A 147 -11.97 -20.26 13.98
C TYR A 147 -12.95 -21.40 14.14
N ALA A 148 -12.71 -22.23 15.16
CA ALA A 148 -13.64 -23.31 15.50
C ALA A 148 -14.92 -22.70 16.07
N PRO A 149 -16.06 -23.39 15.90
CA PRO A 149 -17.32 -22.84 16.40
C PRO A 149 -17.21 -22.47 17.89
N GLU A 150 -16.46 -23.23 18.68
CA GLU A 150 -16.39 -23.00 20.11
C GLU A 150 -15.60 -21.74 20.50
N HIS A 151 -14.94 -21.11 19.51
CA HIS A 151 -14.19 -19.90 19.79
C HIS A 151 -14.89 -18.66 19.26
N ALA A 152 -16.12 -18.83 18.78
CA ALA A 152 -16.87 -17.70 18.23
C ALA A 152 -17.12 -16.61 19.30
N THR A 153 -17.35 -16.99 20.55
CA THR A 153 -17.63 -15.96 21.55
C THR A 153 -16.36 -15.19 21.87
N MET A 154 -15.24 -15.90 21.94
CA MET A 154 -13.93 -15.26 22.05
C MET A 154 -13.72 -14.31 20.87
N PHE A 155 -14.08 -14.75 19.66
CA PHE A 155 -13.93 -13.87 18.51
C PHE A 155 -14.78 -12.60 18.64
N GLU A 156 -16.05 -12.72 19.01
CA GLU A 156 -16.85 -11.50 19.09
C GLU A 156 -16.33 -10.61 20.21
N ASP A 157 -15.69 -11.21 21.21
CA ASP A 157 -15.11 -10.48 22.34
C ASP A 157 -13.88 -9.67 21.89
N LEU A 158 -12.98 -10.33 21.18
CA LEU A 158 -11.85 -9.63 20.57
C LEU A 158 -12.34 -8.45 19.73
N VAL A 159 -13.32 -8.68 18.87
CA VAL A 159 -13.82 -7.63 18.02
C VAL A 159 -14.36 -6.46 18.85
N GLY A 160 -15.12 -6.75 19.90
CA GLY A 160 -15.64 -5.65 20.71
C GLY A 160 -14.53 -4.87 21.40
N VAL A 161 -13.49 -5.59 21.80
CA VAL A 161 -12.34 -4.96 22.42
C VAL A 161 -11.66 -3.97 21.46
N LEU A 162 -11.43 -4.39 20.21
CA LEU A 162 -10.72 -3.55 19.27
C LEU A 162 -11.59 -2.37 18.90
N ARG A 163 -12.89 -2.61 18.79
CA ARG A 163 -13.81 -1.54 18.44
C ARG A 163 -13.90 -0.48 19.54
N ALA A 164 -13.36 -0.75 20.73
CA ALA A 164 -13.33 0.29 21.79
C ALA A 164 -12.06 1.15 21.77
N THR A 165 -11.14 0.89 20.83
CA THR A 165 -9.82 1.50 20.89
C THR A 165 -9.79 2.84 20.18
N GLU A 166 -8.76 3.63 20.47
CA GLU A 166 -8.56 4.91 19.79
C GLU A 166 -8.38 4.67 18.29
N GLU A 167 -7.68 3.60 17.92
CA GLU A 167 -7.56 3.24 16.52
C GLU A 167 -8.95 3.23 15.86
N TRP A 168 -9.93 2.64 16.53
CA TRP A 168 -11.23 2.48 15.90
C TRP A 168 -12.05 3.76 15.77
N THR A 169 -11.65 4.83 16.46
CA THR A 169 -12.35 6.10 16.32
C THR A 169 -12.16 6.64 14.92
N TYR A 170 -11.16 6.13 14.21
CA TYR A 170 -10.92 6.52 12.83
C TYR A 170 -11.64 5.66 11.77
N VAL A 171 -12.38 4.64 12.20
CA VAL A 171 -13.12 3.82 11.23
C VAL A 171 -14.45 4.48 10.85
N GLU A 172 -14.70 4.67 9.57
CA GLU A 172 -15.89 5.37 9.14
C GLU A 172 -16.86 4.49 8.37
N ARG A 173 -16.40 3.30 7.96
CA ARG A 173 -17.32 2.31 7.44
C ARG A 173 -16.82 0.92 7.82
N GLU A 174 -17.74 0.06 8.22
CA GLU A 174 -17.40 -1.27 8.71
C GLU A 174 -18.63 -2.15 8.68
N VAL A 175 -18.47 -3.37 8.18
CA VAL A 175 -19.59 -4.27 8.07
C VAL A 175 -19.20 -5.61 8.69
N ASP A 176 -20.17 -6.23 9.36
CA ASP A 176 -19.95 -7.51 10.00
C ASP A 176 -20.54 -8.66 9.15
N ILE A 177 -19.67 -9.45 8.51
CA ILE A 177 -20.11 -10.66 7.81
C ILE A 177 -19.62 -11.90 8.56
N ARG A 178 -20.53 -12.84 8.84
CA ARG A 178 -20.13 -14.08 9.50
C ARG A 178 -20.44 -15.29 8.64
N LEU A 179 -19.55 -16.29 8.68
CA LEU A 179 -19.65 -17.44 7.78
C LEU A 179 -19.56 -18.78 8.50
N ALA A 180 -20.11 -19.81 7.86
CA ALA A 180 -19.94 -21.20 8.24
C ALA A 180 -19.48 -22.00 7.03
N ARG A 181 -18.51 -22.89 7.24
CA ARG A 181 -17.95 -23.64 6.13
C ARG A 181 -19.02 -24.51 5.47
N ALA A 182 -19.14 -24.37 4.15
CA ALA A 182 -20.11 -25.14 3.39
C ALA A 182 -19.48 -26.45 2.92
N PHE B 3 -5.84 6.32 -10.13
CA PHE B 3 -4.82 5.80 -11.05
C PHE B 3 -4.22 6.85 -11.98
N THR B 4 -2.90 6.97 -11.95
CA THR B 4 -2.21 7.83 -12.90
C THR B 4 -1.50 6.96 -13.94
N VAL B 5 -1.86 7.16 -15.20
CA VAL B 5 -1.37 6.35 -16.31
C VAL B 5 -0.28 7.08 -17.12
N PHE B 6 0.90 6.47 -17.23
CA PHE B 6 2.01 7.03 -17.98
C PHE B 6 2.16 6.21 -19.26
N THR B 7 1.95 6.85 -20.41
CA THR B 7 1.96 6.12 -21.66
C THR B 7 3.08 6.59 -22.59
N GLY B 8 3.90 5.63 -23.01
CA GLY B 8 4.92 5.88 -24.03
C GLY B 8 4.35 5.64 -25.43
N GLY B 9 4.43 6.66 -26.27
CA GLY B 9 4.03 6.53 -27.66
C GLY B 9 4.37 7.80 -28.41
N ASP B 10 3.49 8.18 -29.33
CA ASP B 10 3.55 9.48 -29.98
C ASP B 10 2.24 10.15 -29.63
N SER B 11 2.30 11.43 -29.31
CA SER B 11 1.24 12.09 -28.54
C SER B 11 1.67 12.05 -27.09
N GLY B 12 1.73 13.23 -26.49
CA GLY B 12 2.06 13.32 -25.08
C GLY B 12 2.46 14.74 -24.79
N ALA B 13 2.05 15.24 -23.63
CA ALA B 13 2.46 16.56 -23.20
C ALA B 13 3.99 16.61 -23.07
N TRP B 14 4.62 15.46 -22.96
CA TRP B 14 6.06 15.43 -22.79
C TRP B 14 6.74 14.73 -23.94
N SER B 15 7.79 15.38 -24.42
CA SER B 15 8.67 14.79 -25.40
C SER B 15 9.69 13.93 -24.63
N ILE B 16 10.02 12.77 -25.17
CA ILE B 16 10.96 11.89 -24.49
C ILE B 16 12.36 12.11 -25.01
N LEU B 17 13.25 12.55 -24.13
CA LEU B 17 14.61 12.83 -24.52
C LEU B 17 15.42 11.55 -24.57
N SER B 18 15.07 10.57 -23.73
CA SER B 18 15.83 9.33 -23.68
C SER B 18 15.19 8.27 -22.79
N VAL B 19 15.33 7.00 -23.19
CA VAL B 19 15.01 5.88 -22.34
C VAL B 19 16.31 5.11 -22.20
N ALA B 20 16.79 4.90 -20.99
CA ALA B 20 18.04 4.17 -20.82
C ALA B 20 17.93 3.11 -19.73
N PRO B 21 18.58 1.96 -19.92
CA PRO B 21 18.51 0.96 -18.87
C PRO B 21 19.24 1.40 -17.60
N VAL B 22 18.84 0.90 -16.44
CA VAL B 22 19.63 1.10 -15.22
C VAL B 22 19.94 -0.26 -14.63
N ILE B 23 18.91 -0.95 -14.14
CA ILE B 23 19.08 -2.35 -13.78
C ILE B 23 17.89 -3.18 -14.26
N GLY B 24 18.15 -4.39 -14.74
CA GLY B 24 17.10 -5.25 -15.25
C GLY B 24 16.54 -4.80 -16.59
N GLU B 25 15.42 -5.41 -16.99
CA GLU B 25 14.87 -5.10 -18.31
C GLU B 25 14.50 -3.62 -18.42
N SER B 26 14.92 -3.00 -19.52
CA SER B 26 14.59 -1.63 -19.84
C SER B 26 13.17 -1.51 -20.44
N LEU B 27 12.88 -0.39 -21.08
CA LEU B 27 11.60 -0.19 -21.77
C LEU B 27 11.87 0.28 -23.20
N MET B 28 10.94 -0.02 -24.10
CA MET B 28 11.08 0.36 -25.51
C MET B 28 11.10 1.87 -25.72
N ALA B 29 11.73 2.26 -26.82
CA ALA B 29 11.80 3.65 -27.23
C ALA B 29 10.42 4.14 -27.60
N ALA B 30 10.16 5.41 -27.30
CA ALA B 30 8.96 6.08 -27.77
C ALA B 30 9.28 7.57 -27.87
N SER B 31 8.47 8.31 -28.62
CA SER B 31 8.79 9.70 -28.90
C SER B 31 8.23 10.61 -27.83
N HIS B 32 7.15 10.19 -27.18
CA HIS B 32 6.43 11.04 -26.25
C HIS B 32 5.89 10.28 -25.07
N LEU B 33 5.61 11.02 -24.01
CA LEU B 33 4.95 10.48 -22.85
C LEU B 33 3.64 11.22 -22.63
N ALA B 34 2.56 10.47 -22.47
CA ALA B 34 1.27 11.04 -22.12
C ALA B 34 0.93 10.66 -20.69
N ILE B 35 0.36 11.60 -19.94
CA ILE B 35 -0.04 11.33 -18.57
C ILE B 35 -1.51 11.65 -18.39
N ALA B 36 -2.23 10.81 -17.64
CA ALA B 36 -3.65 11.02 -17.49
C ALA B 36 -4.25 10.15 -16.40
N PRO B 37 -5.27 10.69 -15.73
CA PRO B 37 -6.04 9.89 -14.78
C PRO B 37 -6.78 8.76 -15.49
N SER B 38 -7.02 7.66 -14.76
CA SER B 38 -7.84 6.56 -15.26
C SER B 38 -8.38 5.77 -14.08
N LEU B 39 -9.41 4.97 -14.31
CA LEU B 39 -10.02 4.21 -13.23
C LEU B 39 -9.80 2.71 -13.36
N SER B 40 -9.06 2.29 -14.40
CA SER B 40 -8.80 0.87 -14.60
C SER B 40 -7.33 0.62 -14.89
N PRO B 49 4.04 0.85 -26.93
CA PRO B 49 5.41 0.48 -26.56
C PRO B 49 5.53 0.19 -25.07
N TRP B 50 4.93 1.04 -24.25
CA TRP B 50 4.73 0.73 -22.83
C TRP B 50 3.71 1.66 -22.18
N GLN B 51 3.11 1.16 -21.11
CA GLN B 51 2.15 1.91 -20.33
C GLN B 51 2.26 1.46 -18.89
N LEU B 52 2.34 2.42 -17.96
CA LEU B 52 2.56 2.13 -16.56
C LEU B 52 1.52 2.89 -15.75
N ARG B 53 1.08 2.28 -14.66
CA ARG B 53 0.08 2.86 -13.76
C ARG B 53 0.51 2.85 -12.31
N GLY B 54 0.15 3.90 -11.59
CA GLY B 54 0.36 3.97 -10.17
C GLY B 54 -0.63 4.92 -9.53
N VAL B 55 -0.67 4.94 -8.19
CA VAL B 55 -1.53 5.86 -7.47
C VAL B 55 -0.73 6.56 -6.38
N ALA B 56 -0.95 7.85 -6.22
CA ALA B 56 -0.40 8.57 -5.08
C ALA B 56 -1.08 7.99 -3.85
N SER B 57 -0.32 7.86 -2.77
CA SER B 57 -0.80 7.14 -1.61
C SER B 57 -0.30 7.83 -0.34
N HIS B 58 -0.51 7.21 0.82
CA HIS B 58 -0.11 7.79 2.09
C HIS B 58 1.34 7.48 2.44
N ALA B 59 1.82 8.12 3.48
CA ALA B 59 3.21 8.00 3.93
C ALA B 59 3.49 6.63 4.50
N ARG B 60 4.55 5.99 4.01
CA ARG B 60 4.93 4.70 4.52
C ARG B 60 6.06 4.83 5.52
N TYR B 61 6.82 5.93 5.46
CA TYR B 61 8.02 6.11 6.28
C TYR B 61 8.18 7.50 6.91
N VAL B 62 7.61 8.52 6.27
CA VAL B 62 7.75 9.89 6.73
C VAL B 62 7.20 10.12 8.15
N GLU B 63 8.01 10.73 9.00
CA GLU B 63 7.59 11.11 10.35
C GLU B 63 7.23 12.60 10.39
N ARG B 64 6.67 13.06 11.49
CA ARG B 64 6.07 14.39 11.52
C ARG B 64 7.12 15.47 11.30
N ALA B 65 8.25 15.36 11.99
CA ALA B 65 9.32 16.34 11.84
C ALA B 65 9.78 16.41 10.39
N GLU B 66 9.90 15.23 9.75
CA GLU B 66 10.31 15.17 8.36
C GLU B 66 9.25 15.81 7.44
N LYS B 67 7.99 15.46 7.67
CA LYS B 67 6.93 16.02 6.86
C LYS B 67 6.91 17.55 6.95
N ILE B 68 7.26 18.07 8.13
CA ILE B 68 7.31 19.52 8.29
C ILE B 68 8.45 20.15 7.46
N ALA B 69 9.66 19.62 7.61
CA ALA B 69 10.78 20.04 6.77
C ALA B 69 10.44 19.94 5.27
N LEU B 70 9.74 18.87 4.90
CA LEU B 70 9.46 18.62 3.51
C LEU B 70 8.46 19.60 2.94
N THR B 71 7.29 19.71 3.59
CA THR B 71 6.23 20.58 3.06
C THR B 71 6.66 22.05 3.07
N SER B 72 7.59 22.40 3.93
CA SER B 72 8.07 23.78 4.02
C SER B 72 8.74 24.19 2.72
N VAL B 73 9.59 23.32 2.19
CA VAL B 73 10.46 23.68 1.10
C VAL B 73 10.06 23.08 -0.28
N GLN B 74 9.40 21.92 -0.33
CA GLN B 74 9.23 21.22 -1.62
C GLN B 74 8.27 21.98 -2.53
N ALA B 75 8.50 21.90 -3.84
CA ALA B 75 7.67 22.64 -4.78
C ALA B 75 6.63 21.69 -5.35
N GLY B 76 5.59 22.26 -5.97
CA GLY B 76 4.57 21.46 -6.61
C GLY B 76 4.93 21.16 -8.06
N LEU B 77 4.14 20.31 -8.70
CA LEU B 77 4.29 20.03 -10.13
C LEU B 77 3.65 21.15 -10.93
N GLY B 78 4.07 21.29 -12.18
CA GLY B 78 3.45 22.23 -13.09
C GLY B 78 4.08 23.60 -13.10
N ARG B 79 5.22 23.77 -12.42
CA ARG B 79 5.90 25.06 -12.39
C ARG B 79 6.25 25.52 -13.79
N ASN B 80 5.89 26.76 -14.11
CA ASN B 80 6.10 27.26 -15.46
C ASN B 80 7.51 27.04 -15.98
N GLU B 81 8.50 27.25 -15.13
CA GLU B 81 9.88 27.15 -15.57
C GLU B 81 10.43 25.71 -15.53
N ALA B 82 9.64 24.76 -15.01
CA ALA B 82 10.10 23.38 -14.91
C ALA B 82 9.78 22.63 -16.21
N THR B 83 10.64 22.80 -17.20
CA THR B 83 10.38 22.25 -18.52
C THR B 83 11.13 20.95 -18.76
N ARG B 84 11.83 20.46 -17.75
CA ARG B 84 12.41 19.12 -17.84
C ARG B 84 11.76 18.20 -16.79
N ALA B 85 11.69 16.92 -17.12
CA ALA B 85 11.15 15.95 -16.19
C ALA B 85 11.88 14.61 -16.28
N ALA B 86 11.67 13.78 -15.28
CA ALA B 86 12.23 12.45 -15.27
C ALA B 86 11.15 11.48 -14.77
N LEU B 87 11.02 10.34 -15.43
CA LEU B 87 10.20 9.23 -14.95
C LEU B 87 11.13 8.05 -14.66
N ILE B 88 11.08 7.52 -13.45
CA ILE B 88 11.96 6.42 -13.06
C ILE B 88 11.22 5.31 -12.34
N PRO B 89 10.73 4.32 -13.10
CA PRO B 89 10.08 3.12 -12.56
C PRO B 89 11.09 2.27 -11.81
N ILE B 90 10.69 1.78 -10.63
CA ILE B 90 11.59 1.08 -9.73
C ILE B 90 10.85 -0.10 -9.09
N ARG B 91 11.54 -1.23 -9.01
CA ARG B 91 11.03 -2.36 -8.28
C ARG B 91 12.15 -2.80 -7.35
N LYS B 92 11.76 -3.06 -6.10
CA LYS B 92 12.68 -3.57 -5.09
C LYS B 92 12.51 -5.09 -4.96
N SER B 93 13.51 -5.73 -4.36
CA SER B 93 13.59 -7.18 -4.31
C SER B 93 12.69 -7.80 -3.25
N ALA B 94 12.48 -9.11 -3.41
CA ALA B 94 11.69 -9.86 -2.47
C ALA B 94 12.28 -9.74 -1.09
N ALA B 95 13.61 -9.67 -0.98
CA ALA B 95 14.22 -9.57 0.34
C ALA B 95 13.85 -8.22 1.00
N TRP B 96 13.60 -7.21 0.19
CA TRP B 96 13.19 -5.93 0.73
C TRP B 96 11.82 -6.09 1.37
N TRP B 97 10.90 -6.65 0.60
CA TRP B 97 9.52 -6.74 1.03
C TRP B 97 9.31 -7.72 2.18
N GLU B 98 10.25 -8.65 2.40
CA GLU B 98 10.14 -9.58 3.53
C GLU B 98 10.52 -8.92 4.85
N MET B 99 11.37 -7.90 4.81
CA MET B 99 11.77 -7.20 6.02
C MET B 99 10.60 -6.52 6.74
N THR B 100 10.74 -6.35 8.05
CA THR B 100 9.67 -5.71 8.82
C THR B 100 9.72 -4.18 8.66
N GLN B 101 8.67 -3.51 9.12
CA GLN B 101 8.53 -2.06 8.96
C GLN B 101 9.70 -1.30 9.60
N ASP B 102 10.14 -1.74 10.78
CA ASP B 102 11.25 -1.08 11.45
C ASP B 102 12.58 -1.29 10.71
N GLU B 103 12.75 -2.46 10.12
CA GLU B 103 13.98 -2.74 9.38
C GLU B 103 14.09 -1.92 8.09
N ARG B 104 12.96 -1.77 7.39
CA ARG B 104 12.96 -0.99 6.15
C ARG B 104 13.18 0.49 6.46
N ARG B 105 12.48 1.01 7.46
CA ARG B 105 12.66 2.39 7.89
C ARG B 105 14.13 2.68 8.20
N ALA B 106 14.76 1.80 8.97
CA ALA B 106 16.16 1.95 9.32
C ALA B 106 17.05 2.08 8.07
N ILE B 107 16.80 1.26 7.07
CA ILE B 107 17.61 1.32 5.84
C ILE B 107 17.27 2.57 5.02
N PHE B 108 15.99 2.88 4.92
CA PHE B 108 15.55 4.01 4.13
C PHE B 108 16.13 5.33 4.67
N GLU B 109 16.10 5.57 5.99
CA GLU B 109 16.60 6.86 6.50
C GLU B 109 17.84 6.80 7.39
N ASP B 110 17.82 5.97 8.42
CA ASP B 110 18.99 5.90 9.31
C ASP B 110 20.27 5.62 8.51
N LYS B 111 20.19 4.74 7.52
CA LYS B 111 21.40 4.33 6.79
C LYS B 111 21.55 4.98 5.40
N SER B 112 20.44 5.28 4.72
CA SER B 112 20.53 5.85 3.39
C SER B 112 20.15 7.33 3.34
N HIS B 113 19.54 7.82 4.41
CA HIS B 113 19.20 9.25 4.50
C HIS B 113 18.44 9.71 3.26
N HIS B 114 17.55 8.86 2.76
CA HIS B 114 16.78 9.17 1.55
C HIS B 114 16.22 10.59 1.69
N ILE B 115 15.66 10.91 2.85
CA ILE B 115 15.07 12.22 3.05
C ILE B 115 16.13 13.29 3.31
N ALA B 116 16.91 13.11 4.37
CA ALA B 116 17.84 14.17 4.81
C ALA B 116 18.85 14.54 3.71
N ALA B 117 19.48 13.53 3.09
CA ALA B 117 20.47 13.78 2.05
C ALA B 117 19.87 14.27 0.73
N SER B 118 18.56 14.25 0.60
CA SER B 118 17.93 14.72 -0.64
C SER B 118 17.37 16.12 -0.50
N LEU B 119 17.26 16.61 0.73
CA LEU B 119 16.65 17.92 0.96
C LEU B 119 17.40 19.05 0.25
N LYS B 120 18.71 18.94 0.15
CA LYS B 120 19.46 20.00 -0.51
C LYS B 120 19.04 20.23 -1.96
N TYR B 121 18.35 19.27 -2.57
CA TYR B 121 17.88 19.42 -3.95
C TYR B 121 16.49 20.02 -4.03
N LEU B 122 15.93 20.40 -2.88
CA LEU B 122 14.67 21.13 -2.87
C LEU B 122 14.96 22.63 -2.64
N PRO B 123 14.17 23.50 -3.22
CA PRO B 123 12.97 23.28 -4.04
C PRO B 123 13.23 23.14 -5.54
N ALA B 124 14.49 23.12 -5.98
CA ALA B 124 14.76 22.95 -7.42
C ALA B 124 14.00 21.75 -8.03
N ILE B 125 14.12 20.58 -7.41
CA ILE B 125 13.48 19.38 -7.97
C ILE B 125 12.11 19.14 -7.32
N ALA B 126 11.06 19.14 -8.13
CA ALA B 126 9.74 18.78 -7.65
C ALA B 126 9.53 17.27 -7.89
N ARG B 127 8.75 16.62 -7.05
CA ARG B 127 8.59 15.17 -7.20
C ARG B 127 7.16 14.73 -6.91
N GLN B 128 6.78 13.59 -7.47
CA GLN B 128 5.59 12.89 -7.04
C GLN B 128 5.93 11.38 -7.02
N LEU B 129 5.43 10.69 -5.99
CA LEU B 129 5.66 9.26 -5.86
C LEU B 129 4.36 8.55 -6.16
N TYR B 130 4.40 7.53 -7.02
CA TYR B 130 3.21 6.67 -7.23
C TYR B 130 3.49 5.22 -6.89
N HIS B 131 2.54 4.59 -6.22
CA HIS B 131 2.66 3.21 -5.80
C HIS B 131 1.90 2.29 -6.76
N CYS B 132 2.49 1.14 -7.11
CA CYS B 132 1.79 0.23 -8.02
C CYS B 132 2.04 -1.26 -7.77
N ARG B 133 2.75 -1.60 -6.71
CA ARG B 133 2.97 -3.01 -6.39
C ARG B 133 1.65 -3.73 -6.12
N ASP B 134 0.81 -3.15 -5.27
CA ASP B 134 -0.41 -3.83 -4.90
C ASP B 134 -1.39 -3.91 -6.06
N ILE B 135 -1.20 -3.09 -7.09
CA ILE B 135 -2.14 -3.13 -8.21
C ILE B 135 -1.64 -4.04 -9.32
N GLY B 136 -0.58 -4.81 -9.04
CA GLY B 136 -0.14 -5.83 -9.97
C GLY B 136 0.78 -5.37 -11.10
N GLU B 137 1.37 -4.19 -10.99
CA GLU B 137 2.27 -3.73 -12.06
C GLU B 137 3.64 -4.41 -11.96
N PRO B 138 4.41 -4.36 -13.05
CA PRO B 138 5.76 -4.92 -13.08
C PRO B 138 6.78 -4.10 -12.25
N PHE B 139 6.39 -2.88 -11.86
CA PHE B 139 7.20 -2.07 -10.98
C PHE B 139 6.48 -1.84 -9.65
N ASP B 140 7.24 -1.60 -8.58
CA ASP B 140 6.68 -1.20 -7.28
C ASP B 140 6.30 0.31 -7.21
N PHE B 141 7.14 1.16 -7.82
CA PHE B 141 6.94 2.61 -7.77
C PHE B 141 7.19 3.26 -9.13
N LEU B 142 6.41 4.30 -9.41
CA LEU B 142 6.72 5.21 -10.50
C LEU B 142 7.13 6.51 -9.84
N THR B 143 8.34 7.00 -10.14
CA THR B 143 8.80 8.23 -9.52
C THR B 143 8.95 9.31 -10.56
N TRP B 144 8.34 10.43 -10.27
CA TRP B 144 8.18 11.49 -11.25
C TRP B 144 8.78 12.77 -10.70
N PHE B 145 9.61 13.43 -11.50
CA PHE B 145 10.26 14.66 -11.06
C PHE B 145 10.19 15.72 -12.15
N GLU B 146 10.13 16.98 -11.74
CA GLU B 146 10.15 18.10 -12.66
C GLU B 146 11.16 19.13 -12.17
N TYR B 147 11.88 19.73 -13.12
CA TYR B 147 12.89 20.71 -12.80
C TYR B 147 13.19 21.57 -14.03
N ALA B 148 13.74 22.77 -13.78
CA ALA B 148 14.17 23.67 -14.85
C ALA B 148 15.46 23.12 -15.47
N PRO B 149 15.67 23.41 -16.76
CA PRO B 149 16.84 22.97 -17.51
C PRO B 149 18.15 23.25 -16.79
N GLU B 150 18.24 24.39 -16.12
CA GLU B 150 19.46 24.75 -15.42
C GLU B 150 19.72 23.80 -14.25
N HIS B 151 18.72 23.00 -13.88
CA HIS B 151 18.90 22.07 -12.78
C HIS B 151 19.04 20.61 -13.21
N ALA B 152 19.02 20.38 -14.52
CA ALA B 152 19.14 19.02 -15.06
C ALA B 152 20.37 18.30 -14.53
N THR B 153 21.49 19.01 -14.47
CA THR B 153 22.73 18.37 -13.98
C THR B 153 22.67 18.04 -12.49
N MET B 154 22.02 18.94 -11.75
CA MET B 154 21.82 18.75 -10.34
C MET B 154 20.99 17.47 -10.10
N PHE B 155 19.89 17.36 -10.83
CA PHE B 155 19.06 16.16 -10.77
C PHE B 155 19.86 14.86 -10.93
N GLU B 156 20.60 14.77 -12.02
CA GLU B 156 21.38 13.57 -12.28
C GLU B 156 22.36 13.33 -11.11
N ASP B 157 22.83 14.38 -10.44
CA ASP B 157 23.75 14.21 -9.31
C ASP B 157 23.02 13.55 -8.15
N LEU B 158 21.76 13.97 -7.97
CA LEU B 158 20.91 13.45 -6.91
C LEU B 158 20.67 11.95 -7.17
N VAL B 159 20.10 11.64 -8.33
CA VAL B 159 19.97 10.25 -8.76
C VAL B 159 21.24 9.44 -8.42
N GLY B 160 22.39 9.99 -8.75
CA GLY B 160 23.62 9.26 -8.57
C GLY B 160 23.84 9.00 -7.10
N VAL B 161 23.54 9.97 -6.25
CA VAL B 161 23.76 9.78 -4.82
C VAL B 161 22.79 8.74 -4.27
N LEU B 162 21.51 8.81 -4.65
CA LEU B 162 20.55 7.81 -4.20
C LEU B 162 21.05 6.40 -4.62
N ARG B 163 21.51 6.26 -5.87
CA ARG B 163 21.76 4.94 -6.41
C ARG B 163 22.98 4.33 -5.74
N ALA B 164 23.73 5.14 -5.01
CA ALA B 164 24.88 4.57 -4.24
C ALA B 164 24.47 4.20 -2.80
N THR B 165 23.19 4.28 -2.44
CA THR B 165 22.87 3.92 -1.05
C THR B 165 22.50 2.43 -0.82
N GLU B 166 22.72 1.96 0.42
CA GLU B 166 22.13 0.72 0.92
C GLU B 166 20.69 0.52 0.38
N GLU B 167 19.84 1.47 0.67
CA GLU B 167 18.46 1.31 0.11
C GLU B 167 18.59 0.78 -1.30
N TRP B 168 19.39 1.41 -2.12
CA TRP B 168 19.48 0.97 -3.50
C TRP B 168 20.05 -0.43 -3.75
N THR B 169 20.78 -1.03 -2.81
CA THR B 169 21.19 -2.39 -3.09
C THR B 169 20.00 -3.37 -3.24
N TYR B 170 18.77 -2.89 -3.06
CA TYR B 170 17.56 -3.72 -3.07
C TYR B 170 16.67 -3.41 -4.30
N VAL B 171 17.07 -2.43 -5.11
CA VAL B 171 16.39 -2.18 -6.37
C VAL B 171 16.86 -3.23 -7.41
N GLU B 172 15.89 -3.92 -8.01
CA GLU B 172 16.24 -4.98 -8.94
C GLU B 172 15.83 -4.65 -10.37
N ARG B 173 14.89 -3.74 -10.52
CA ARG B 173 14.55 -3.28 -11.84
C ARG B 173 14.36 -1.77 -11.78
N GLU B 174 15.02 -1.06 -12.70
CA GLU B 174 14.98 0.40 -12.72
C GLU B 174 15.32 0.86 -14.12
N VAL B 175 14.55 1.79 -14.63
CA VAL B 175 14.73 2.39 -15.96
C VAL B 175 14.79 3.94 -15.90
N ASP B 176 15.67 4.55 -16.70
CA ASP B 176 15.78 6.02 -16.76
C ASP B 176 15.08 6.58 -17.99
N ILE B 177 14.03 7.34 -17.75
CA ILE B 177 13.39 8.10 -18.80
C ILE B 177 13.59 9.60 -18.48
N ARG B 178 13.88 10.41 -19.51
CA ARG B 178 14.03 11.87 -19.36
C ARG B 178 13.11 12.56 -20.34
N LEU B 179 12.42 13.58 -19.87
CA LEU B 179 11.39 14.22 -20.67
C LEU B 179 11.77 15.68 -20.90
N ALA B 180 11.07 16.32 -21.85
CA ALA B 180 11.15 17.76 -22.03
C ALA B 180 9.81 18.19 -22.57
N ARG B 181 9.31 19.32 -22.10
CA ARG B 181 7.91 19.68 -22.35
C ARG B 181 7.68 20.08 -23.80
CHA HEM C . -3.57 -4.94 11.11
CHB HEM C . -2.73 -8.43 14.28
CHC HEM C . -7.53 -9.06 14.83
CHD HEM C . -8.29 -5.41 11.92
C1A HEM C . -2.99 -5.85 11.93
C2A HEM C . -1.55 -6.01 12.00
C3A HEM C . -1.27 -6.99 12.88
C4A HEM C . -2.56 -7.47 13.37
CMA HEM C . 0.17 -7.49 13.29
CAA HEM C . -0.60 -5.09 11.20
CBA HEM C . -0.10 -5.70 9.90
CGA HEM C . 0.95 -4.74 9.37
O1A HEM C . 0.64 -4.11 8.35
O2A HEM C . 2.06 -4.60 9.97
C1B HEM C . -3.97 -8.86 14.64
C2B HEM C . -4.15 -10.03 15.45
C3B HEM C . -5.45 -10.22 15.56
C4B HEM C . -6.15 -9.17 14.86
CMB HEM C . -3.06 -10.95 16.06
CAB HEM C . -6.07 -11.39 16.38
CBB HEM C . -6.99 -12.17 15.80
C1C HEM C . -8.18 -8.13 14.13
C2C HEM C . -9.62 -7.93 13.99
C3C HEM C . -9.80 -6.93 13.14
C4C HEM C . -8.48 -6.45 12.76
CMC HEM C . -10.70 -8.82 14.67
CAC HEM C . -11.09 -6.26 12.64
CBC HEM C . -12.19 -6.29 13.40
C1D HEM C . -7.14 -4.98 11.40
C2D HEM C . -7.05 -3.89 10.45
C3D HEM C . -5.55 -3.76 10.21
C4D HEM C . -4.93 -4.75 11.05
CMD HEM C . -8.18 -3.02 9.79
CAD HEM C . -4.85 -2.76 9.29
CBD HEM C . -4.46 -1.57 10.18
CGD HEM C . -3.91 -0.47 9.32
O1D HEM C . -2.96 -0.74 8.53
O2D HEM C . -4.41 0.69 9.40
NA HEM C . -3.62 -6.78 12.77
NB HEM C . -5.21 -8.32 14.27
NC HEM C . -7.51 -7.21 13.37
ND HEM C . -5.86 -5.46 11.74
FE HEM C . -5.66 -6.76 13.12
CHA HEM D . 10.09 7.61 -1.44
CHB HEM D . 11.77 12.09 -0.61
CHC HEM D . 14.25 11.87 -4.78
CHD HEM D . 12.87 7.22 -5.40
C1A HEM D . 10.36 8.84 -0.88
C2A HEM D . 9.82 9.31 0.39
C3A HEM D . 10.28 10.54 0.62
C4A HEM D . 11.12 10.89 -0.49
CMA HEM D . 10.01 11.45 1.85
CAA HEM D . 8.91 8.49 1.34
CBA HEM D . 7.43 8.74 1.11
CGA HEM D . 6.71 7.85 2.12
O1A HEM D . 7.00 7.91 3.36
O2A HEM D . 5.85 7.02 1.71
C1B HEM D . 12.55 12.45 -1.69
C2B HEM D . 13.12 13.76 -1.92
C3B HEM D . 13.77 13.71 -3.07
C4B HEM D . 13.68 12.36 -3.60
CMB HEM D . 12.97 14.98 -0.99
CAB HEM D . 14.52 14.92 -3.65
CBB HEM D . 14.32 15.19 -4.94
C1C HEM D . 14.09 10.60 -5.29
C2C HEM D . 14.65 10.12 -6.53
C3C HEM D . 14.27 8.85 -6.69
C4C HEM D . 13.46 8.48 -5.56
CMC HEM D . 15.51 11.01 -7.47
CAC HEM D . 14.56 7.82 -7.81
CBC HEM D . 15.77 7.66 -8.36
C1D HEM D . 11.97 6.87 -4.41
C2D HEM D . 11.30 5.59 -4.27
C3D HEM D . 10.44 5.72 -3.02
C4D HEM D . 10.67 7.06 -2.55
CMD HEM D . 11.46 4.35 -5.19
CAD HEM D . 9.53 4.64 -2.35
CBD HEM D . 10.47 3.93 -1.35
CGD HEM D . 9.76 2.84 -0.57
O1D HEM D . 8.53 2.99 -0.31
O2D HEM D . 10.42 1.82 -0.21
NA HEM D . 11.14 9.84 -1.40
NB HEM D . 12.91 11.63 -2.74
NC HEM D . 13.38 9.57 -4.72
ND HEM D . 11.57 7.69 -3.38
FE HEM D . 12.39 9.63 -2.89
#